data_2OC3
#
_entry.id   2OC3
#
_cell.length_a   46.338
_cell.length_b   63.763
_cell.length_c   48.992
_cell.angle_alpha   90.00
_cell.angle_beta   102.64
_cell.angle_gamma   90.00
#
_symmetry.space_group_name_H-M   'P 1 21 1'
#
loop_
_entity.id
_entity.type
_entity.pdbx_description
1 polymer 'Tyrosine-protein phosphatase non-receptor type 18'
2 water water
#
_entity_poly.entity_id   1
_entity_poly.type   'polypeptide(L)'
_entity_poly.pdbx_seq_one_letter_code
;GPLGSPGIPDSARSFLERLEARGGREGAVLAGEFSDIQACSAAWKADGVCSTVAGSRPENVRKNRYKDVLPYDQTRVILS
LLQEEGHSDYINGNFIRGVDGSLAYIATQGPLPHTLLDFWRLVWEFGVKVILMACREIENGRKRCERYWAQEQEPLQTGL
FCITLIKEKWLNEDIMLRTLKVTFQKESRSVYQLQYMSWPDRGVPSSPDHMLAMVEEARRLQGSGPEPLCVHCSAGCGRT
GVLCTVDYVRQLLLTQMIPPDFSLFDVVLKMRKQRPAAVQTEEQYRFLYHTVAQMFCSTLQNA
;
_entity_poly.pdbx_strand_id   A
#
# COMPACT_ATOMS: atom_id res chain seq x y z
N ASP A 10 -21.77 17.14 6.31
CA ASP A 10 -21.37 18.48 6.84
C ASP A 10 -19.95 18.51 7.42
N SER A 11 -19.58 17.44 8.14
CA SER A 11 -18.28 17.44 8.81
C SER A 11 -17.13 17.61 7.80
N ALA A 12 -17.36 17.19 6.56
CA ALA A 12 -16.46 17.53 5.47
C ALA A 12 -16.38 19.05 5.28
N SER A 14 -17.06 21.36 7.51
CA SER A 14 -16.48 21.84 8.77
C SER A 14 -14.96 21.65 8.77
N PHE A 15 -14.52 20.48 8.33
CA PHE A 15 -13.09 20.24 8.18
C PHE A 15 -12.46 21.28 7.25
N LEU A 16 -13.15 21.55 6.14
CA LEU A 16 -12.68 22.53 5.17
C LEU A 16 -12.73 23.95 5.74
N GLU A 17 -13.78 24.27 6.49
CA GLU A 17 -13.85 25.55 7.20
C GLU A 17 -12.63 25.74 8.11
N ARG A 18 -12.26 24.68 8.85
CA ARG A 18 -11.04 24.69 9.67
C ARG A 18 -9.76 24.87 8.83
N LEU A 19 -9.69 24.19 7.69
CA LEU A 19 -8.55 24.33 6.79
C LEU A 19 -8.72 25.57 5.91
N ALA A 28 2.75 26.56 5.93
CA ALA A 28 3.54 26.49 7.15
C ALA A 28 2.81 25.71 8.23
N VAL A 29 1.47 25.81 8.24
CA VAL A 29 0.65 25.03 9.16
C VAL A 29 0.89 23.55 8.85
N LEU A 30 0.86 23.19 7.57
CA LEU A 30 1.03 21.78 7.20
C LEU A 30 2.46 21.31 7.42
N ALA A 31 3.45 22.19 7.26
CA ALA A 31 4.85 21.86 7.57
C ALA A 31 5.00 21.52 9.05
N GLY A 32 4.45 22.36 9.91
CA GLY A 32 4.46 22.11 11.35
C GLY A 32 3.71 20.85 11.75
N GLU A 33 2.56 20.63 11.13
CA GLU A 33 1.76 19.46 11.40
C GLU A 33 2.52 18.18 11.02
N PHE A 34 3.16 18.18 9.83
CA PHE A 34 3.96 17.00 9.47
C PHE A 34 5.17 16.83 10.39
N SER A 35 5.76 17.94 10.82
CA SER A 35 6.90 17.82 11.74
C SER A 35 6.40 17.18 13.04
N ASP A 36 5.18 17.52 13.48
CA ASP A 36 4.60 16.91 14.67
C ASP A 36 4.31 15.43 14.49
N ILE A 37 3.79 15.06 13.33
CA ILE A 37 3.62 13.63 13.07
CA ILE A 37 3.64 13.65 12.95
C ILE A 37 4.97 12.90 13.18
N GLN A 38 6.03 13.47 12.63
CA GLN A 38 7.32 12.80 12.67
C GLN A 38 7.79 12.71 14.10
N ALA A 39 7.59 13.76 14.88
CA ALA A 39 8.04 13.77 16.28
C ALA A 39 7.29 12.75 17.11
N CYS A 40 5.97 12.69 16.94
CA CYS A 40 5.14 11.75 17.67
C CYS A 40 5.43 10.30 17.28
N SER A 41 5.56 10.06 15.98
CA SER A 41 5.88 8.73 15.48
CA SER A 41 5.89 8.74 15.44
CA SER A 41 5.83 8.69 15.58
C SER A 41 7.21 8.25 16.05
N ALA A 42 8.20 9.16 16.03
CA ALA A 42 9.55 8.81 16.55
C ALA A 42 9.50 8.51 18.03
N ALA A 43 8.73 9.31 18.79
CA ALA A 43 8.57 9.06 20.24
C ALA A 43 7.90 7.72 20.48
N TRP A 44 6.96 7.36 19.64
CA TRP A 44 6.29 6.07 19.80
C TRP A 44 7.24 4.91 19.46
N LYS A 45 8.05 5.06 18.42
CA LYS A 45 9.03 4.03 18.15
C LYS A 45 9.91 3.78 19.36
N ALA A 46 10.27 4.87 20.04
CA ALA A 46 11.23 4.79 21.14
C ALA A 46 10.62 4.22 22.38
N ASP A 47 9.37 4.59 22.67
CA ASP A 47 8.75 4.23 23.96
C ASP A 47 7.57 3.27 23.90
N GLY A 48 7.06 3.06 22.72
CA GLY A 48 5.89 2.20 22.50
C GLY A 48 6.27 0.74 22.24
N VAL A 49 5.23 -0.05 22.02
CA VAL A 49 5.45 -1.46 21.68
C VAL A 49 5.78 -1.50 20.19
N CYS A 50 7.07 -1.57 19.89
CA CYS A 50 7.58 -1.39 18.55
C CYS A 50 8.88 -2.12 18.42
N SER A 51 8.92 -3.16 17.59
CA SER A 51 10.15 -3.91 17.36
C SER A 51 10.25 -4.45 15.93
N THR A 52 11.46 -4.84 15.54
CA THR A 52 11.76 -5.30 14.18
C THR A 52 12.62 -6.59 14.24
N VAL A 53 12.27 -7.48 15.17
CA VAL A 53 13.04 -8.71 15.43
C VAL A 53 13.00 -9.62 14.19
N ALA A 54 11.82 -9.86 13.63
CA ALA A 54 11.69 -10.86 12.58
C ALA A 54 12.49 -10.41 11.34
N GLY A 55 12.28 -9.16 10.96
CA GLY A 55 12.98 -8.62 9.78
C GLY A 55 14.50 -8.56 9.82
N SER A 56 15.04 -8.62 11.05
CA SER A 56 16.48 -8.60 11.27
CA SER A 56 16.49 -8.57 11.22
C SER A 56 17.09 -9.97 11.47
N ARG A 57 16.27 -11.02 11.48
CA ARG A 57 16.78 -12.41 11.57
C ARG A 57 17.71 -12.66 10.38
N PRO A 58 18.84 -13.35 10.60
CA PRO A 58 19.80 -13.60 9.50
C PRO A 58 19.18 -14.17 8.23
N GLU A 59 18.23 -15.07 8.39
CA GLU A 59 17.58 -15.74 7.27
C GLU A 59 16.62 -14.81 6.52
N ASN A 60 16.23 -13.69 7.13
CA ASN A 60 15.31 -12.78 6.49
C ASN A 60 15.90 -11.52 5.95
N VAL A 61 17.14 -11.21 6.29
CA VAL A 61 17.73 -9.90 5.93
C VAL A 61 17.71 -9.70 4.42
N ARG A 62 17.99 -10.74 3.66
CA ARG A 62 18.05 -10.68 2.20
C ARG A 62 16.68 -10.43 1.56
N LYS A 63 15.64 -10.65 2.34
CA LYS A 63 14.26 -10.50 1.85
C LYS A 63 13.76 -9.06 1.97
N ASN A 64 14.57 -8.14 2.47
CA ASN A 64 14.23 -6.72 2.58
C ASN A 64 14.90 -5.95 1.46
N ARG A 65 14.12 -5.15 0.74
CA ARG A 65 14.66 -4.31 -0.34
C ARG A 65 15.59 -3.24 0.18
N TYR A 66 15.27 -2.64 1.32
CA TYR A 66 16.01 -1.51 1.92
C TYR A 66 16.41 -1.89 3.35
N LYS A 67 17.65 -1.62 3.73
CA LYS A 67 18.11 -1.97 5.09
C LYS A 67 17.39 -1.18 6.19
N ASP A 68 16.90 0.00 5.86
CA ASP A 68 16.29 0.86 6.85
C ASP A 68 14.76 0.75 6.88
N VAL A 69 14.20 -0.21 6.14
CA VAL A 69 12.76 -0.45 6.17
C VAL A 69 12.50 -1.89 6.57
N LEU A 70 12.14 -2.07 7.84
CA LEU A 70 11.79 -3.37 8.38
C LEU A 70 10.36 -3.33 8.91
N PRO A 71 9.59 -4.38 8.70
CA PRO A 71 8.21 -4.36 9.15
C PRO A 71 8.16 -4.44 10.68
N TYR A 72 7.25 -3.73 11.29
CA TYR A 72 7.12 -3.83 12.74
C TYR A 72 6.56 -5.19 13.06
N ASP A 73 7.13 -5.86 14.04
CA ASP A 73 6.62 -7.18 14.44
C ASP A 73 5.15 -7.17 14.81
N GLN A 74 4.69 -6.09 15.41
CA GLN A 74 3.37 -6.03 16.01
C GLN A 74 2.21 -6.22 15.03
N THR A 75 2.45 -5.87 13.77
CA THR A 75 1.43 -5.85 12.74
C THR A 75 1.96 -6.60 11.48
N ARG A 76 3.08 -7.31 11.55
CA ARG A 76 3.63 -7.92 10.34
C ARG A 76 2.72 -9.00 9.79
N VAL A 77 2.79 -9.20 8.48
CA VAL A 77 2.06 -10.28 7.81
C VAL A 77 2.81 -11.57 8.06
N ILE A 78 2.14 -12.54 8.66
CA ILE A 78 2.72 -13.85 8.92
C ILE A 78 2.16 -14.81 7.88
N LEU A 79 3.03 -15.29 7.02
CA LEU A 79 2.62 -16.23 5.96
C LEU A 79 2.55 -17.65 6.54
N SER A 80 1.55 -18.41 6.13
CA SER A 80 1.43 -19.79 6.48
C SER A 80 1.27 -20.65 5.24
N LEU A 81 0.96 -20.04 4.09
CA LEU A 81 0.74 -20.84 2.91
C LEU A 81 2.05 -21.53 2.54
N LEU A 82 1.96 -22.83 2.31
CA LEU A 82 3.11 -23.67 1.98
C LEU A 82 4.04 -23.87 3.17
N GLN A 83 3.58 -23.62 4.39
CA GLN A 83 4.45 -23.84 5.56
C GLN A 83 4.88 -25.30 5.63
N GLU A 84 3.95 -26.22 5.33
CA GLU A 84 4.22 -27.68 5.35
C GLU A 84 5.30 -28.10 4.36
N GLU A 85 5.54 -27.29 3.33
CA GLU A 85 6.57 -27.56 2.34
C GLU A 85 7.86 -26.79 2.65
N GLY A 86 7.90 -26.17 3.84
CA GLY A 86 9.10 -25.55 4.38
C GLY A 86 9.32 -24.06 4.10
N HIS A 87 8.31 -23.39 3.56
CA HIS A 87 8.46 -21.96 3.32
C HIS A 87 8.33 -21.15 4.60
N SER A 88 9.16 -20.12 4.66
CA SER A 88 9.24 -19.19 5.78
C SER A 88 7.97 -18.35 5.97
N ASP A 89 7.73 -17.91 7.18
CA ASP A 89 6.59 -17.02 7.46
C ASP A 89 6.80 -15.54 7.12
N TYR A 90 7.99 -15.21 6.65
CA TYR A 90 8.41 -13.82 6.58
C TYR A 90 8.17 -13.16 5.20
N ILE A 91 7.56 -11.98 5.28
CA ILE A 91 7.53 -11.02 4.15
C ILE A 91 7.64 -9.63 4.71
N ASN A 92 8.30 -8.74 3.97
CA ASN A 92 8.35 -7.36 4.37
C ASN A 92 7.02 -6.70 4.05
N GLY A 93 6.10 -6.78 5.02
CA GLY A 93 4.77 -6.23 4.86
C GLY A 93 4.06 -6.20 6.19
N ASN A 94 3.10 -5.28 6.29
CA ASN A 94 2.32 -5.07 7.52
C ASN A 94 0.85 -4.89 7.19
N PHE A 95 -0.02 -5.37 8.07
CA PHE A 95 -1.43 -5.06 8.01
C PHE A 95 -1.67 -3.67 8.51
N ILE A 96 -2.68 -3.00 7.92
CA ILE A 96 -3.19 -1.70 8.34
C ILE A 96 -4.72 -1.85 8.52
N ARG A 97 -5.20 -1.40 9.68
CA ARG A 97 -6.62 -1.44 9.99
C ARG A 97 -7.41 -0.40 9.19
N GLY A 98 -8.62 -0.78 8.79
CA GLY A 98 -9.53 0.10 8.08
C GLY A 98 -10.58 0.72 8.98
N VAL A 99 -11.54 1.35 8.32
CA VAL A 99 -12.52 2.18 9.05
C VAL A 99 -13.39 1.33 9.97
N ASP A 100 -13.53 0.05 9.70
CA ASP A 100 -14.36 -0.84 10.58
C ASP A 100 -13.49 -1.59 11.62
N GLY A 101 -12.21 -1.26 11.69
CA GLY A 101 -11.27 -1.90 12.62
C GLY A 101 -10.72 -3.23 12.12
N SER A 102 -11.17 -3.69 10.96
CA SER A 102 -10.73 -4.94 10.34
C SER A 102 -9.39 -4.71 9.66
N LEU A 103 -8.73 -5.79 9.27
CA LEU A 103 -7.45 -5.69 8.53
C LEU A 103 -7.72 -5.41 7.04
N ALA A 104 -7.80 -4.13 6.72
CA ALA A 104 -8.33 -3.65 5.47
C ALA A 104 -7.26 -3.47 4.38
N TYR A 105 -6.01 -3.31 4.79
CA TYR A 105 -4.90 -3.15 3.84
C TYR A 105 -3.77 -4.04 4.24
N ILE A 106 -3.03 -4.49 3.22
CA ILE A 106 -1.69 -5.04 3.43
C ILE A 106 -0.75 -4.11 2.71
N ALA A 107 0.14 -3.46 3.42
CA ALA A 107 1.17 -2.52 2.88
C ALA A 107 2.46 -3.30 2.81
N THR A 108 3.01 -3.45 1.62
CA THR A 108 4.19 -4.28 1.45
C THR A 108 5.17 -3.62 0.48
N GLN A 109 6.37 -4.17 0.39
CA GLN A 109 7.36 -3.62 -0.55
C GLN A 109 7.17 -4.18 -1.96
N GLY A 110 7.84 -3.55 -2.93
CA GLY A 110 7.89 -4.13 -4.29
C GLY A 110 8.77 -5.37 -4.22
N PRO A 111 8.24 -6.52 -4.67
CA PRO A 111 9.01 -7.75 -4.50
C PRO A 111 10.35 -7.78 -5.25
N LEU A 112 11.29 -8.53 -4.67
CA LEU A 112 12.60 -8.78 -5.26
C LEU A 112 12.54 -10.06 -6.07
N PRO A 113 13.58 -10.34 -6.88
CA PRO A 113 13.52 -11.59 -7.62
C PRO A 113 13.26 -12.84 -6.75
N HIS A 114 13.92 -12.86 -5.60
CA HIS A 114 13.78 -13.96 -4.66
C HIS A 114 12.64 -13.82 -3.66
N THR A 115 11.83 -12.75 -3.74
CA THR A 115 10.60 -12.71 -2.94
C THR A 115 9.29 -12.69 -3.78
N LEU A 116 9.40 -12.88 -5.10
CA LEU A 116 8.22 -12.96 -5.97
C LEU A 116 7.25 -14.03 -5.50
N LEU A 117 7.79 -15.19 -5.17
CA LEU A 117 6.96 -16.29 -4.70
C LEU A 117 6.24 -15.88 -3.40
N ASP A 118 6.97 -15.21 -2.50
CA ASP A 118 6.35 -14.78 -1.24
C ASP A 118 5.23 -13.75 -1.45
N PHE A 119 5.44 -12.84 -2.39
CA PHE A 119 4.41 -11.88 -2.76
C PHE A 119 3.12 -12.59 -3.20
N TRP A 120 3.26 -13.60 -4.05
CA TRP A 120 2.04 -14.37 -4.47
C TRP A 120 1.46 -15.22 -3.35
N ARG A 121 2.29 -15.76 -2.46
CA ARG A 121 1.73 -16.43 -1.28
C ARG A 121 0.86 -15.49 -0.45
N LEU A 122 1.33 -14.24 -0.30
CA LEU A 122 0.59 -13.20 0.41
C LEU A 122 -0.76 -12.97 -0.29
N VAL A 123 -0.70 -12.70 -1.60
CA VAL A 123 -1.92 -12.39 -2.34
C VAL A 123 -2.90 -13.58 -2.24
N TRP A 124 -2.39 -14.80 -2.41
CA TRP A 124 -3.28 -15.98 -2.39
C TRP A 124 -3.86 -16.24 -1.00
N GLU A 125 -2.97 -16.26 -0.02
CA GLU A 125 -3.38 -16.67 1.34
C GLU A 125 -4.50 -15.77 1.89
N PHE A 126 -4.39 -14.47 1.66
CA PHE A 126 -5.36 -13.51 2.19
C PHE A 126 -6.51 -13.19 1.23
N GLY A 127 -6.57 -13.89 0.09
CA GLY A 127 -7.71 -13.72 -0.82
C GLY A 127 -7.82 -12.39 -1.48
N VAL A 128 -6.68 -11.73 -1.62
CA VAL A 128 -6.62 -10.43 -2.29
C VAL A 128 -7.24 -10.46 -3.68
N LYS A 129 -8.08 -9.46 -3.95
CA LYS A 129 -8.77 -9.28 -5.23
C LYS A 129 -8.13 -8.13 -6.03
N VAL A 130 -7.58 -7.16 -5.33
CA VAL A 130 -7.03 -5.95 -5.99
C VAL A 130 -5.66 -5.60 -5.38
N ILE A 131 -4.69 -5.42 -6.26
CA ILE A 131 -3.37 -4.90 -5.94
C ILE A 131 -3.23 -3.48 -6.46
N LEU A 132 -2.75 -2.55 -5.64
CA LEU A 132 -2.43 -1.21 -6.07
C LEU A 132 -0.93 -1.04 -5.99
N MET A 133 -0.30 -0.70 -7.10
CA MET A 133 1.16 -0.56 -7.22
C MET A 133 1.43 0.91 -7.53
N ALA A 134 2.21 1.60 -6.67
CA ALA A 134 2.44 3.02 -6.84
C ALA A 134 3.87 3.31 -7.17
N CYS A 135 4.45 2.53 -8.06
CA CYS A 135 5.79 2.79 -8.56
C CYS A 135 5.92 2.10 -9.92
N ARG A 136 7.02 2.38 -10.60
CA ARG A 136 7.40 1.65 -11.81
C ARG A 136 8.46 0.62 -11.46
N GLU A 137 8.70 -0.32 -12.39
CA GLU A 137 9.78 -1.30 -12.21
C GLU A 137 11.15 -0.64 -12.02
N ILE A 138 11.42 0.36 -12.85
CA ILE A 138 12.67 1.13 -12.84
C ILE A 138 12.30 2.59 -12.78
N GLU A 139 12.90 3.32 -11.86
CA GLU A 139 12.66 4.75 -11.73
C GLU A 139 13.99 5.47 -11.73
N ASN A 140 14.14 6.38 -12.70
CA ASN A 140 15.34 7.21 -12.80
C ASN A 140 16.63 6.38 -12.70
N GLY A 141 16.64 5.27 -13.43
CA GLY A 141 17.87 4.50 -13.53
C GLY A 141 18.14 3.55 -12.38
N ARG A 142 17.15 3.33 -11.50
CA ARG A 142 17.29 2.43 -10.37
C ARG A 142 16.15 1.42 -10.36
N LYS A 143 16.47 0.15 -10.14
CA LYS A 143 15.44 -0.88 -9.98
C LYS A 143 14.67 -0.66 -8.68
N ARG A 144 13.35 -0.62 -8.81
CA ARG A 144 12.47 -0.32 -7.69
C ARG A 144 11.45 -1.45 -7.41
N CYS A 145 11.17 -2.30 -8.38
CA CYS A 145 10.25 -3.41 -8.19
C CYS A 145 10.45 -4.42 -9.29
N GLU A 146 10.46 -5.71 -8.93
CA GLU A 146 10.41 -6.73 -9.96
C GLU A 146 9.04 -6.87 -10.59
N ARG A 147 8.98 -7.18 -11.88
CA ARG A 147 7.73 -7.48 -12.54
C ARG A 147 7.22 -8.81 -12.00
N TYR A 148 6.01 -8.78 -11.44
CA TYR A 148 5.35 -9.97 -10.94
C TYR A 148 4.11 -10.34 -11.71
N TRP A 149 3.75 -9.53 -12.69
CA TRP A 149 2.60 -9.75 -13.58
C TRP A 149 3.11 -10.30 -14.92
N ALA A 150 2.20 -10.94 -15.65
CA ALA A 150 2.49 -11.57 -16.93
C ALA A 150 2.34 -10.55 -18.02
N GLN A 151 3.00 -10.85 -19.13
CA GLN A 151 2.86 -10.03 -20.33
C GLN A 151 2.07 -10.79 -21.40
N GLU A 152 1.67 -10.07 -22.43
CA GLU A 152 0.81 -10.64 -23.47
C GLU A 152 1.43 -11.88 -24.07
N GLN A 153 0.67 -12.98 -24.07
CA GLN A 153 1.14 -14.27 -24.56
C GLN A 153 2.45 -14.74 -23.92
N GLU A 154 2.69 -14.33 -22.68
CA GLU A 154 3.88 -14.75 -21.94
C GLU A 154 3.50 -14.91 -20.48
N PRO A 155 2.85 -16.03 -20.14
CA PRO A 155 2.59 -16.29 -18.72
C PRO A 155 3.87 -16.35 -17.91
N LEU A 156 3.76 -15.99 -16.66
CA LEU A 156 4.89 -15.99 -15.74
C LEU A 156 4.71 -17.13 -14.74
N GLN A 157 5.69 -18.04 -14.67
CA GLN A 157 5.73 -19.07 -13.63
C GLN A 157 6.64 -18.58 -12.51
N THR A 158 6.10 -18.47 -11.32
CA THR A 158 6.84 -18.16 -10.14
C THR A 158 6.57 -19.25 -9.13
N GLY A 159 7.52 -20.14 -8.93
CA GLY A 159 7.28 -21.29 -8.10
C GLY A 159 6.04 -22.01 -8.61
N LEU A 160 5.16 -22.30 -7.67
CA LEU A 160 3.93 -23.01 -7.94
C LEU A 160 2.77 -22.12 -8.50
N PHE A 161 3.03 -20.84 -8.75
CA PHE A 161 2.04 -19.90 -9.30
C PHE A 161 2.26 -19.66 -10.78
N CYS A 162 1.19 -19.68 -11.57
CA CYS A 162 1.22 -19.36 -12.97
C CYS A 162 0.32 -18.14 -13.14
N ILE A 163 0.93 -17.04 -13.56
CA ILE A 163 0.23 -15.79 -13.77
C ILE A 163 0.03 -15.57 -15.27
N THR A 164 -1.22 -15.33 -15.67
CA THR A 164 -1.59 -15.07 -17.06
C THR A 164 -2.24 -13.71 -17.21
N LEU A 165 -1.85 -12.98 -18.24
CA LEU A 165 -2.47 -11.73 -18.56
C LEU A 165 -3.73 -11.91 -19.41
N ILE A 166 -4.85 -11.50 -18.86
CA ILE A 166 -6.13 -11.55 -19.58
C ILE A 166 -6.39 -10.26 -20.37
N LYS A 167 -6.08 -9.10 -19.81
CA LYS A 167 -6.38 -7.83 -20.46
CA LYS A 167 -6.38 -7.82 -20.46
C LYS A 167 -5.57 -6.75 -19.78
N GLU A 168 -5.23 -5.72 -20.55
CA GLU A 168 -4.62 -4.48 -20.03
C GLU A 168 -5.43 -3.30 -20.53
N LYS A 169 -5.63 -2.28 -19.71
CA LYS A 169 -6.47 -1.11 -20.05
C LYS A 169 -5.89 0.12 -19.37
N TRP A 170 -5.58 1.17 -20.12
CA TRP A 170 -5.28 2.45 -19.52
C TRP A 170 -6.55 3.15 -19.10
N LEU A 171 -6.75 3.41 -17.80
CA LEU A 171 -7.95 4.12 -17.35
C LEU A 171 -7.88 5.63 -17.62
N ASN A 172 -6.66 6.15 -17.59
CA ASN A 172 -6.32 7.53 -17.91
C ASN A 172 -4.79 7.56 -18.19
N GLU A 173 -4.19 8.72 -18.46
CA GLU A 173 -2.79 8.69 -18.89
C GLU A 173 -1.81 8.20 -17.83
N ASP A 174 -2.28 8.14 -16.57
CA ASP A 174 -1.39 7.78 -15.46
C ASP A 174 -1.68 6.42 -14.82
N ILE A 175 -2.75 5.74 -15.20
CA ILE A 175 -3.16 4.52 -14.51
C ILE A 175 -3.43 3.38 -15.47
N MET A 176 -2.74 2.26 -15.24
CA MET A 176 -2.90 1.01 -15.95
CA MET A 176 -2.95 1.02 -15.97
C MET A 176 -3.73 0.05 -15.09
N LEU A 177 -4.64 -0.69 -15.69
CA LEU A 177 -5.40 -1.77 -15.04
C LEU A 177 -5.10 -3.05 -15.77
N ARG A 178 -4.48 -4.05 -15.10
CA ARG A 178 -4.26 -5.35 -15.61
C ARG A 178 -5.21 -6.35 -14.97
N THR A 179 -5.79 -7.20 -15.80
CA THR A 179 -6.66 -8.26 -15.37
C THR A 179 -5.82 -9.52 -15.47
N LEU A 180 -5.58 -10.17 -14.33
CA LEU A 180 -4.70 -11.30 -14.27
C LEU A 180 -5.50 -12.53 -13.90
N LYS A 181 -5.02 -13.68 -14.37
CA LYS A 181 -5.49 -15.00 -13.94
C LYS A 181 -4.32 -15.58 -13.17
N VAL A 182 -4.54 -15.95 -11.93
CA VAL A 182 -3.49 -16.50 -11.04
C VAL A 182 -3.91 -17.94 -10.73
N THR A 183 -3.05 -18.91 -11.05
CA THR A 183 -3.33 -20.32 -10.88
C THR A 183 -2.35 -20.93 -9.91
N PHE A 184 -2.89 -21.63 -8.91
CA PHE A 184 -2.08 -22.27 -7.84
C PHE A 184 -2.84 -23.52 -7.42
N GLN A 185 -2.15 -24.67 -7.38
CA GLN A 185 -2.73 -25.92 -6.83
C GLN A 185 -4.12 -26.20 -7.41
N LYS A 186 -4.19 -26.05 -8.72
CA LYS A 186 -5.38 -26.47 -9.54
C LYS A 186 -6.62 -25.56 -9.42
N GLU A 187 -6.44 -24.38 -8.81
CA GLU A 187 -7.43 -23.32 -8.68
C GLU A 187 -6.96 -22.08 -9.43
N SER A 188 -7.88 -21.40 -10.13
CA SER A 188 -7.57 -20.14 -10.79
C SER A 188 -8.44 -19.04 -10.24
N ARG A 189 -7.83 -17.89 -9.98
CA ARG A 189 -8.50 -16.72 -9.46
C ARG A 189 -8.23 -15.53 -10.35
N SER A 190 -9.20 -14.61 -10.39
CA SER A 190 -8.97 -13.31 -10.97
C SER A 190 -8.36 -12.37 -9.94
N VAL A 191 -7.29 -11.70 -10.35
CA VAL A 191 -6.67 -10.65 -9.53
C VAL A 191 -6.49 -9.45 -10.45
N TYR A 192 -7.00 -8.30 -10.02
CA TYR A 192 -6.81 -7.04 -10.71
C TYR A 192 -5.64 -6.29 -10.13
N GLN A 193 -4.80 -5.74 -10.99
CA GLN A 193 -3.66 -4.90 -10.57
C GLN A 193 -3.77 -3.54 -11.20
N LEU A 194 -3.78 -2.52 -10.34
CA LEU A 194 -3.76 -1.16 -10.79
C LEU A 194 -2.38 -0.62 -10.58
N GLN A 195 -1.78 0.01 -11.59
CA GLN A 195 -0.43 0.52 -11.49
C GLN A 195 -0.42 1.99 -11.83
N TYR A 196 0.07 2.80 -10.93
CA TYR A 196 0.28 4.24 -11.13
C TYR A 196 1.60 4.36 -11.89
N MET A 197 1.56 5.04 -13.05
CA MET A 197 2.62 4.92 -14.06
C MET A 197 3.58 6.10 -14.14
N SER A 198 3.31 7.19 -13.43
CA SER A 198 4.06 8.44 -13.57
C SER A 198 4.40 9.15 -12.28
N TRP A 199 4.38 8.46 -11.14
CA TRP A 199 4.72 9.12 -9.90
C TRP A 199 6.18 9.63 -9.97
N PRO A 200 6.36 10.95 -9.77
CA PRO A 200 7.69 11.51 -10.05
C PRO A 200 8.77 11.10 -9.10
N ASP A 201 9.99 11.10 -9.64
CA ASP A 201 11.17 10.74 -8.88
C ASP A 201 11.39 11.74 -7.72
N ARG A 202 11.07 13.00 -7.99
CA ARG A 202 11.04 14.05 -6.97
C ARG A 202 9.68 14.73 -6.96
N GLY A 203 9.12 14.85 -5.76
CA GLY A 203 7.84 15.51 -5.54
C GLY A 203 6.68 14.54 -5.66
N VAL A 204 5.53 15.08 -6.01
CA VAL A 204 4.26 14.36 -6.07
C VAL A 204 3.58 14.66 -7.40
N PRO A 205 2.55 13.89 -7.76
CA PRO A 205 1.81 14.17 -9.00
C PRO A 205 1.28 15.58 -9.10
N SER A 206 1.08 16.03 -10.33
CA SER A 206 0.64 17.39 -10.64
CA SER A 206 0.63 17.39 -10.65
C SER A 206 -0.73 17.73 -10.04
N SER A 207 -1.59 16.73 -9.90
CA SER A 207 -2.90 16.89 -9.27
C SER A 207 -3.36 15.54 -8.70
N PRO A 208 -4.30 15.53 -7.74
CA PRO A 208 -4.78 14.27 -7.16
C PRO A 208 -5.72 13.46 -8.02
N ASP A 209 -6.17 14.03 -9.14
CA ASP A 209 -7.30 13.45 -9.85
C ASP A 209 -7.11 12.00 -10.23
N HIS A 210 -5.96 11.69 -10.83
CA HIS A 210 -5.81 10.35 -11.38
C HIS A 210 -5.59 9.33 -10.28
N MET A 211 -4.93 9.71 -9.20
CA MET A 211 -4.83 8.83 -8.04
C MET A 211 -6.22 8.56 -7.46
N LEU A 212 -7.07 9.60 -7.36
CA LEU A 212 -8.44 9.35 -6.89
C LEU A 212 -9.17 8.36 -7.80
N ALA A 213 -9.01 8.51 -9.11
CA ALA A 213 -9.59 7.59 -10.10
C ALA A 213 -9.13 6.16 -9.83
N MET A 214 -7.85 6.02 -9.46
CA MET A 214 -7.28 4.69 -9.15
C MET A 214 -7.99 4.07 -7.94
N VAL A 215 -8.15 4.86 -6.89
CA VAL A 215 -8.82 4.40 -5.67
C VAL A 215 -10.29 4.07 -5.95
N GLU A 216 -10.95 4.94 -6.71
CA GLU A 216 -12.35 4.68 -7.06
C GLU A 216 -12.50 3.35 -7.81
N GLU A 217 -11.62 3.11 -8.78
CA GLU A 217 -11.70 1.87 -9.52
C GLU A 217 -11.35 0.67 -8.65
N ALA A 218 -10.33 0.78 -7.79
CA ALA A 218 -10.00 -0.32 -6.91
C ALA A 218 -11.19 -0.73 -6.08
N ARG A 219 -11.93 0.26 -5.59
CA ARG A 219 -13.08 -0.02 -4.75
C ARG A 219 -14.21 -0.66 -5.52
N ARG A 220 -14.39 -0.29 -6.79
CA ARG A 220 -15.41 -0.98 -7.58
C ARG A 220 -15.03 -2.44 -7.77
N LEU A 221 -13.74 -2.71 -8.04
CA LEU A 221 -13.29 -4.07 -8.28
C LEU A 221 -13.30 -4.92 -7.02
N GLN A 222 -13.01 -4.29 -5.89
CA GLN A 222 -12.99 -4.96 -4.58
C GLN A 222 -14.39 -5.43 -4.17
N GLY A 223 -15.38 -4.57 -4.43
CA GLY A 223 -16.76 -4.86 -4.03
C GLY A 223 -16.92 -5.01 -2.53
N SER A 224 -17.92 -5.79 -2.14
CA SER A 224 -18.17 -6.06 -0.73
C SER A 224 -17.20 -7.14 -0.25
N GLY A 225 -17.14 -7.37 1.04
CA GLY A 225 -16.32 -8.45 1.55
C GLY A 225 -14.99 -7.96 2.09
N PRO A 226 -14.46 -8.71 3.07
CA PRO A 226 -13.45 -8.21 3.97
C PRO A 226 -12.00 -8.40 3.52
N GLU A 227 -11.76 -9.02 2.37
CA GLU A 227 -10.37 -9.28 1.95
C GLU A 227 -9.60 -7.96 1.81
N PRO A 228 -8.35 -7.96 2.25
CA PRO A 228 -7.59 -6.72 2.25
C PRO A 228 -7.16 -6.32 0.83
N LEU A 229 -7.06 -5.03 0.63
CA LEU A 229 -6.38 -4.48 -0.55
C LEU A 229 -4.91 -4.68 -0.33
N CYS A 230 -4.18 -5.06 -1.37
CA CYS A 230 -2.71 -5.18 -1.32
C CYS A 230 -2.13 -3.93 -1.96
N VAL A 231 -1.42 -3.12 -1.19
CA VAL A 231 -0.91 -1.82 -1.63
C VAL A 231 0.60 -1.83 -1.50
N HIS A 232 1.31 -1.41 -2.54
CA HIS A 232 2.75 -1.38 -2.45
C HIS A 232 3.35 -0.32 -3.34
N CYS A 233 4.56 0.09 -3.02
CA CYS A 233 5.37 0.93 -3.86
C CYS A 233 6.70 0.23 -3.92
N SER A 234 7.82 0.94 -3.87
CA SER A 234 9.10 0.24 -3.79
C SER A 234 9.39 -0.20 -2.35
N ALA A 235 9.49 0.75 -1.42
CA ALA A 235 9.69 0.39 -0.02
C ALA A 235 8.43 -0.04 0.70
N GLY A 236 7.29 0.41 0.21
CA GLY A 236 6.01 0.14 0.90
C GLY A 236 5.68 1.11 2.00
N CYS A 237 6.17 2.34 1.91
CA CYS A 237 6.07 3.34 2.97
C CYS A 237 5.32 4.62 2.55
N GLY A 238 5.95 5.46 1.78
CA GLY A 238 5.46 6.76 1.53
C GLY A 238 4.26 6.81 0.64
N ARG A 239 4.43 6.39 -0.61
CA ARG A 239 3.35 6.41 -1.53
C ARG A 239 2.26 5.44 -1.11
N THR A 240 2.67 4.29 -0.61
CA THR A 240 1.73 3.29 -0.10
C THR A 240 0.85 3.91 0.99
N GLY A 241 1.50 4.65 1.90
CA GLY A 241 0.72 5.29 2.96
C GLY A 241 -0.22 6.37 2.46
N VAL A 242 0.16 7.07 1.40
CA VAL A 242 -0.76 8.03 0.78
C VAL A 242 -1.99 7.29 0.28
N LEU A 243 -1.81 6.23 -0.50
CA LEU A 243 -2.94 5.49 -1.06
C LEU A 243 -3.85 4.94 0.02
N CYS A 244 -3.27 4.32 1.07
CA CYS A 244 -4.09 3.73 2.12
C CYS A 244 -4.87 4.80 2.85
N THR A 245 -4.26 5.95 3.07
CA THR A 245 -4.93 7.03 3.80
C THR A 245 -6.07 7.62 2.95
N VAL A 246 -5.84 7.80 1.66
CA VAL A 246 -6.87 8.34 0.79
C VAL A 246 -8.08 7.39 0.79
N ASP A 247 -7.82 6.10 0.69
CA ASP A 247 -8.91 5.15 0.68
C ASP A 247 -9.62 5.13 2.02
N TYR A 248 -8.88 5.12 3.13
CA TYR A 248 -9.49 5.16 4.46
C TYR A 248 -10.44 6.37 4.60
N VAL A 249 -9.96 7.55 4.24
CA VAL A 249 -10.76 8.77 4.35
C VAL A 249 -11.96 8.70 3.40
N ARG A 250 -11.77 8.16 2.21
CA ARG A 250 -12.87 8.04 1.28
C ARG A 250 -13.93 7.08 1.81
N GLN A 251 -13.53 6.00 2.46
CA GLN A 251 -14.50 5.09 3.04
C GLN A 251 -15.28 5.78 4.15
N LEU A 252 -14.64 6.59 4.97
CA LEU A 252 -15.38 7.38 5.99
C LEU A 252 -16.39 8.27 5.30
N LEU A 253 -15.98 8.94 4.24
CA LEU A 253 -16.85 9.89 3.55
C LEU A 253 -18.07 9.20 2.97
N LEU A 254 -17.86 8.08 2.31
CA LEU A 254 -18.97 7.41 1.64
C LEU A 254 -19.93 6.74 2.63
N THR A 255 -19.45 6.42 3.81
CA THR A 255 -20.26 5.81 4.87
C THR A 255 -20.83 6.87 5.83
N GLN A 256 -20.60 8.15 5.54
CA GLN A 256 -21.14 9.28 6.30
C GLN A 256 -20.57 9.37 7.71
N MET A 257 -19.35 8.87 7.88
CA MET A 257 -18.68 8.76 9.14
C MET A 257 -17.46 9.66 9.31
N ILE A 258 -17.55 10.86 8.78
CA ILE A 258 -16.56 11.90 9.06
C ILE A 258 -17.06 12.71 10.27
N PRO A 259 -16.38 12.59 11.45
CA PRO A 259 -16.91 13.34 12.59
C PRO A 259 -16.47 14.78 12.55
N PRO A 260 -17.14 15.67 13.31
CA PRO A 260 -16.85 17.11 13.23
C PRO A 260 -15.44 17.48 13.69
N ASP A 261 -14.85 16.61 14.50
CA ASP A 261 -13.46 16.77 14.91
C ASP A 261 -12.53 15.86 14.12
N PHE A 262 -12.92 15.51 12.89
CA PHE A 262 -12.06 14.71 12.02
C PHE A 262 -10.67 15.32 11.91
N SER A 263 -9.66 14.47 12.03
CA SER A 263 -8.28 14.87 12.04
C SER A 263 -7.51 13.96 11.07
N LEU A 264 -7.01 14.57 10.01
CA LEU A 264 -6.14 13.84 9.05
C LEU A 264 -4.80 13.52 9.74
N PHE A 265 -4.38 14.39 10.65
CA PHE A 265 -3.19 14.18 11.47
C PHE A 265 -3.30 12.84 12.20
N ASP A 266 -4.45 12.62 12.84
CA ASP A 266 -4.62 11.42 13.65
C ASP A 266 -4.63 10.15 12.79
N VAL A 267 -5.18 10.25 11.58
CA VAL A 267 -5.22 9.10 10.66
C VAL A 267 -3.80 8.72 10.25
N VAL A 268 -3.02 9.70 9.82
CA VAL A 268 -1.65 9.43 9.38
C VAL A 268 -0.79 8.91 10.55
N LEU A 269 -0.92 9.53 11.73
CA LEU A 269 -0.14 9.05 12.86
C LEU A 269 -0.48 7.60 13.16
N LYS A 270 -1.76 7.27 13.15
CA LYS A 270 -2.16 5.88 13.38
C LYS A 270 -1.58 4.90 12.35
N MET A 271 -1.54 5.30 11.07
CA MET A 271 -0.95 4.54 9.99
CA MET A 271 -0.98 4.41 10.07
C MET A 271 0.54 4.28 10.26
N ARG A 272 1.22 5.35 10.71
CA ARG A 272 2.67 5.25 11.03
C ARG A 272 3.01 4.21 12.14
N LYS A 273 2.06 3.89 13.00
CA LYS A 273 2.24 2.90 14.07
C LYS A 273 1.96 1.50 13.57
N GLN A 274 1.59 1.35 12.29
CA GLN A 274 1.28 0.05 11.69
C GLN A 274 2.20 -0.38 10.53
N ARG A 275 2.63 0.59 9.73
CA ARG A 275 3.63 0.39 8.68
C ARG A 275 4.68 1.51 8.79
N PRO A 276 5.97 1.15 8.87
CA PRO A 276 7.00 2.16 9.01
C PRO A 276 6.90 3.26 7.93
N ALA A 277 7.04 4.50 8.36
CA ALA A 277 7.14 5.65 7.47
C ALA A 277 5.96 5.84 6.55
N ALA A 278 4.78 5.32 6.95
CA ALA A 278 3.55 5.54 6.15
C ALA A 278 3.36 7.06 6.05
N VAL A 279 3.37 7.55 4.81
CA VAL A 279 3.39 8.96 4.46
C VAL A 279 4.75 9.50 4.94
N GLN A 280 5.73 9.51 4.04
CA GLN A 280 7.10 9.66 4.41
C GLN A 280 7.57 11.11 4.42
N THR A 281 7.01 11.94 3.54
CA THR A 281 7.51 13.30 3.32
C THR A 281 6.45 14.38 3.49
N GLU A 282 6.90 15.60 3.80
CA GLU A 282 6.03 16.73 3.87
C GLU A 282 5.25 16.93 2.55
N GLU A 283 5.91 16.77 1.42
CA GLU A 283 5.22 16.94 0.14
C GLU A 283 4.10 15.89 -0.02
N GLN A 284 4.34 14.67 0.42
CA GLN A 284 3.29 13.66 0.41
C GLN A 284 2.13 14.04 1.32
N TYR A 285 2.44 14.57 2.50
CA TYR A 285 1.40 14.97 3.45
C TYR A 285 0.57 16.12 2.88
N ARG A 286 1.23 17.08 2.23
CA ARG A 286 0.49 18.18 1.58
C ARG A 286 -0.39 17.64 0.44
N PHE A 287 0.16 16.71 -0.37
CA PHE A 287 -0.61 16.07 -1.46
C PHE A 287 -1.84 15.35 -0.92
N LEU A 288 -1.68 14.66 0.21
CA LEU A 288 -2.78 13.99 0.86
C LEU A 288 -3.85 15.01 1.29
N TYR A 289 -3.44 16.12 1.90
CA TYR A 289 -4.35 17.20 2.21
C TYR A 289 -5.10 17.73 1.01
N HIS A 290 -4.41 17.92 -0.10
CA HIS A 290 -5.01 18.40 -1.35
C HIS A 290 -6.09 17.40 -1.82
N THR A 291 -5.76 16.11 -1.75
CA THR A 291 -6.63 15.04 -2.19
C THR A 291 -7.89 14.98 -1.33
N VAL A 292 -7.73 15.06 -0.02
CA VAL A 292 -8.86 14.99 0.89
C VAL A 292 -9.77 16.23 0.74
N ALA A 293 -9.17 17.41 0.61
CA ALA A 293 -9.94 18.65 0.37
C ALA A 293 -10.78 18.52 -0.90
N GLN A 294 -10.18 17.95 -1.95
CA GLN A 294 -10.89 17.75 -3.21
C GLN A 294 -12.05 16.76 -3.05
N MET A 295 -11.82 15.68 -2.33
CA MET A 295 -12.90 14.73 -2.05
CA MET A 295 -12.90 14.73 -2.05
C MET A 295 -14.03 15.39 -1.28
N PHE A 296 -13.67 16.28 -0.35
CA PHE A 296 -14.66 16.93 0.51
C PHE A 296 -15.36 18.07 -0.24
N CYS A 297 -14.84 18.40 -1.43
CA CYS A 297 -15.35 19.42 -2.36
C CYS A 297 -15.19 20.83 -1.80
#